data_5NAM
#
_entry.id   5NAM
#
_cell.length_a   1.000
_cell.length_b   1.000
_cell.length_c   1.000
_cell.angle_alpha   90.00
_cell.angle_beta   90.00
_cell.angle_gamma   90.00
#
_symmetry.space_group_name_H-M   'P 1'
#
_entity_poly.entity_id   1
_entity_poly.type   'polypeptide(L)'
_entity_poly.pdbx_seq_one_letter_code
;MNITSQMNKTIIGVSVLSVLVVSVVAVLVYKFYFHLMLLAGCIKYGRG
;
_entity_poly.pdbx_strand_id   A
#
# COMPACT_ATOMS: atom_id res chain seq x y z
N MET A 1 -5.63 -6.49 21.67
CA MET A 1 -4.66 -5.85 20.79
C MET A 1 -3.25 -5.98 21.34
N ASN A 2 -2.26 -5.75 20.49
CA ASN A 2 -0.86 -5.83 20.90
C ASN A 2 -0.52 -7.25 21.34
N ILE A 3 -0.91 -8.23 20.53
CA ILE A 3 -0.64 -9.64 20.83
C ILE A 3 -0.47 -10.45 19.55
N THR A 4 0.13 -11.63 19.68
CA THR A 4 0.33 -12.50 18.53
C THR A 4 0.64 -13.93 18.98
N SER A 5 -0.18 -14.43 19.91
CA SER A 5 0.00 -15.78 20.42
C SER A 5 -1.08 -16.71 19.88
N GLN A 6 -1.17 -17.91 20.45
CA GLN A 6 -2.15 -18.89 20.02
C GLN A 6 -3.51 -18.61 20.64
N MET A 7 -4.02 -17.40 20.42
CA MET A 7 -5.31 -17.01 20.96
C MET A 7 -6.23 -16.49 19.85
N ASN A 8 -7.50 -16.89 19.90
CA ASN A 8 -8.47 -16.48 18.90
C ASN A 8 -8.43 -14.97 18.69
N LYS A 9 -8.31 -14.22 19.79
CA LYS A 9 -8.26 -12.77 19.72
C LYS A 9 -7.18 -12.31 18.74
N THR A 10 -5.96 -12.77 18.94
CA THR A 10 -4.84 -12.41 18.07
C THR A 10 -5.17 -12.71 16.61
N ILE A 11 -5.87 -13.81 16.38
CA ILE A 11 -6.25 -14.21 15.03
C ILE A 11 -7.08 -13.13 14.35
N ILE A 12 -7.96 -12.49 15.13
CA ILE A 12 -8.81 -11.43 14.59
C ILE A 12 -8.02 -10.15 14.36
N GLY A 13 -7.37 -9.65 15.41
CA GLY A 13 -6.59 -8.45 15.30
C GLY A 13 -5.56 -8.52 14.19
N VAL A 14 -4.77 -9.60 14.19
CA VAL A 14 -3.74 -9.79 13.17
C VAL A 14 -4.36 -9.87 11.78
N SER A 15 -5.39 -10.69 11.63
CA SER A 15 -6.06 -10.86 10.36
C SER A 15 -6.55 -9.52 9.82
N VAL A 16 -7.07 -8.69 10.71
CA VAL A 16 -7.58 -7.38 10.33
C VAL A 16 -6.45 -6.44 9.94
N LEU A 17 -5.49 -6.29 10.84
CA LEU A 17 -4.33 -5.41 10.60
C LEU A 17 -3.69 -5.73 9.26
N SER A 18 -3.58 -7.02 8.95
CA SER A 18 -2.98 -7.45 7.69
C SER A 18 -3.82 -6.98 6.50
N VAL A 19 -5.11 -7.29 6.53
CA VAL A 19 -6.01 -6.90 5.46
C VAL A 19 -5.87 -5.41 5.13
N LEU A 20 -5.72 -4.60 6.17
CA LEU A 20 -5.57 -3.16 6.00
C LEU A 20 -4.27 -2.82 5.28
N VAL A 21 -3.15 -3.22 5.87
CA VAL A 21 -1.84 -2.96 5.28
C VAL A 21 -1.79 -3.43 3.83
N VAL A 22 -2.17 -4.68 3.60
CA VAL A 22 -2.19 -5.25 2.27
C VAL A 22 -2.92 -4.36 1.29
N SER A 23 -4.16 -3.99 1.64
CA SER A 23 -4.97 -3.14 0.78
C SER A 23 -4.25 -1.83 0.49
N VAL A 24 -3.97 -1.07 1.53
CA VAL A 24 -3.29 0.22 1.38
C VAL A 24 -2.03 0.06 0.54
N VAL A 25 -1.29 -1.02 0.76
CA VAL A 25 -0.07 -1.29 0.01
C VAL A 25 -0.32 -1.27 -1.49
N ALA A 26 -1.18 -2.19 -1.94
CA ALA A 26 -1.50 -2.28 -3.35
C ALA A 26 -2.18 -1.01 -3.85
N VAL A 27 -2.99 -0.40 -2.98
CA VAL A 27 -3.71 0.82 -3.33
C VAL A 27 -2.75 1.87 -3.88
N LEU A 28 -1.77 2.26 -3.09
CA LEU A 28 -0.79 3.26 -3.50
C LEU A 28 0.06 2.74 -4.66
N VAL A 29 0.32 1.44 -4.66
CA VAL A 29 1.12 0.81 -5.70
C VAL A 29 0.53 1.09 -7.08
N TYR A 30 -0.77 0.85 -7.23
CA TYR A 30 -1.45 1.08 -8.49
C TYR A 30 -1.86 2.54 -8.64
N LYS A 31 -2.43 3.10 -7.58
CA LYS A 31 -2.86 4.49 -7.58
C LYS A 31 -1.71 5.41 -7.93
N PHE A 32 -0.65 5.37 -7.13
CA PHE A 32 0.52 6.20 -7.36
C PHE A 32 1.22 5.82 -8.66
N TYR A 33 0.98 4.60 -9.11
CA TYR A 33 1.59 4.10 -10.34
C TYR A 33 1.50 5.15 -11.45
N PHE A 34 0.33 5.77 -11.56
CA PHE A 34 0.10 6.79 -12.58
C PHE A 34 0.95 8.03 -12.32
N HIS A 35 1.00 8.44 -11.06
CA HIS A 35 1.78 9.61 -10.66
C HIS A 35 3.20 9.52 -11.19
N LEU A 36 3.78 8.33 -11.09
CA LEU A 36 5.15 8.09 -11.56
C LEU A 36 5.31 8.54 -13.01
N MET A 37 4.42 8.05 -13.87
CA MET A 37 4.46 8.40 -15.29
C MET A 37 4.34 9.89 -15.48
N LEU A 38 3.44 10.52 -14.73
CA LEU A 38 3.23 11.96 -14.83
C LEU A 38 4.50 12.72 -14.44
N LEU A 39 5.22 12.19 -13.46
CA LEU A 39 6.46 12.82 -13.00
C LEU A 39 7.60 12.54 -13.96
N ALA A 40 7.61 11.34 -14.53
CA ALA A 40 8.65 10.95 -15.48
C ALA A 40 8.60 11.80 -16.74
N GLY A 41 7.41 11.89 -17.34
CA GLY A 41 7.24 12.67 -18.54
C GLY A 41 6.85 14.11 -18.26
N CYS A 42 7.25 14.61 -17.10
CA CYS A 42 6.94 15.98 -16.70
C CYS A 42 7.81 16.98 -17.45
N ILE A 43 9.03 16.55 -17.79
CA ILE A 43 9.96 17.41 -18.51
C ILE A 43 10.47 16.73 -19.77
N LYS A 44 10.66 17.52 -20.83
CA LYS A 44 11.14 16.99 -22.10
C LYS A 44 12.51 16.34 -21.93
N TYR A 45 12.91 15.55 -22.92
CA TYR A 45 14.20 14.87 -22.87
C TYR A 45 15.33 15.85 -23.13
N GLY A 46 16.57 15.41 -22.88
CA GLY A 46 17.72 16.26 -23.09
C GLY A 46 19.00 15.48 -23.25
N ARG A 47 19.10 14.74 -24.36
CA ARG A 47 20.28 13.93 -24.63
C ARG A 47 21.50 14.81 -24.86
N GLY A 48 21.36 15.79 -25.74
CA GLY A 48 22.47 16.70 -26.02
C GLY A 48 23.56 16.03 -26.83
N MET A 1 -4.13 -2.66 23.18
CA MET A 1 -4.69 -3.88 22.59
C MET A 1 -3.80 -4.40 21.48
N ASN A 2 -2.50 -4.52 21.75
CA ASN A 2 -1.56 -5.00 20.76
C ASN A 2 -1.04 -6.39 21.14
N ILE A 3 -1.96 -7.30 21.43
CA ILE A 3 -1.60 -8.66 21.80
C ILE A 3 -0.74 -9.32 20.72
N THR A 4 -0.36 -10.57 20.95
CA THR A 4 0.45 -11.31 20.01
C THR A 4 0.68 -12.74 20.48
N SER A 5 -0.39 -13.40 20.91
CA SER A 5 -0.29 -14.77 21.39
C SER A 5 -1.03 -15.73 20.46
N GLN A 6 -1.18 -16.97 20.89
CA GLN A 6 -1.87 -17.98 20.09
C GLN A 6 -3.32 -18.12 20.52
N MET A 7 -4.03 -17.00 20.58
CA MET A 7 -5.43 -17.00 20.98
C MET A 7 -6.32 -16.49 19.84
N ASN A 8 -7.59 -16.87 19.87
CA ASN A 8 -8.54 -16.45 18.84
C ASN A 8 -8.47 -14.94 18.63
N LYS A 9 -8.41 -14.20 19.73
CA LYS A 9 -8.35 -12.74 19.65
C LYS A 9 -7.26 -12.29 18.68
N THR A 10 -6.04 -12.79 18.90
CA THR A 10 -4.92 -12.44 18.04
C THR A 10 -5.24 -12.70 16.57
N ILE A 11 -5.92 -13.83 16.31
CA ILE A 11 -6.29 -14.20 14.96
C ILE A 11 -7.13 -13.10 14.29
N ILE A 12 -7.99 -12.47 15.08
CA ILE A 12 -8.85 -11.40 14.56
C ILE A 12 -8.04 -10.14 14.31
N GLY A 13 -7.39 -9.64 15.37
CA GLY A 13 -6.60 -8.43 15.23
C GLY A 13 -5.56 -8.53 14.13
N VAL A 14 -4.77 -9.59 14.17
CA VAL A 14 -3.73 -9.81 13.17
C VAL A 14 -4.33 -9.87 11.76
N SER A 15 -5.37 -10.68 11.61
CA SER A 15 -6.02 -10.83 10.31
C SER A 15 -6.49 -9.48 9.78
N VAL A 16 -7.01 -8.64 10.67
CA VAL A 16 -7.50 -7.32 10.30
C VAL A 16 -6.35 -6.40 9.92
N LEU A 17 -5.37 -6.26 10.82
CA LEU A 17 -4.22 -5.42 10.59
C LEU A 17 -3.57 -5.74 9.24
N SER A 18 -3.48 -7.02 8.92
CA SER A 18 -2.89 -7.46 7.67
C SER A 18 -3.71 -6.97 6.48
N VAL A 19 -5.01 -7.25 6.50
CA VAL A 19 -5.90 -6.84 5.43
C VAL A 19 -5.74 -5.37 5.12
N LEU A 20 -5.58 -4.56 6.16
CA LEU A 20 -5.41 -3.12 6.00
C LEU A 20 -4.11 -2.79 5.27
N VAL A 21 -2.99 -3.22 5.86
CA VAL A 21 -1.68 -2.98 5.27
C VAL A 21 -1.64 -3.44 3.81
N VAL A 22 -2.04 -4.70 3.59
CA VAL A 22 -2.05 -5.26 2.24
C VAL A 22 -2.82 -4.36 1.27
N SER A 23 -4.06 -4.03 1.63
CA SER A 23 -4.89 -3.17 0.80
C SER A 23 -4.19 -1.85 0.50
N VAL A 24 -3.90 -1.09 1.55
CA VAL A 24 -3.24 0.20 1.40
C VAL A 24 -1.98 0.07 0.54
N VAL A 25 -1.23 -1.00 0.76
CA VAL A 25 -0.01 -1.24 0.00
C VAL A 25 -0.28 -1.22 -1.51
N ALA A 26 -1.12 -2.14 -1.96
CA ALA A 26 -1.46 -2.24 -3.37
C ALA A 26 -2.17 -0.97 -3.84
N VAL A 27 -2.98 -0.39 -2.97
CA VAL A 27 -3.71 0.84 -3.30
C VAL A 27 -2.78 1.90 -3.86
N LEU A 28 -1.79 2.30 -3.05
CA LEU A 28 -0.84 3.32 -3.47
C LEU A 28 0.01 2.81 -4.65
N VAL A 29 0.29 1.51 -4.65
CA VAL A 29 1.09 0.91 -5.72
C VAL A 29 0.49 1.19 -7.09
N TYR A 30 -0.81 0.93 -7.22
CA TYR A 30 -1.50 1.15 -8.48
C TYR A 30 -1.93 2.61 -8.61
N LYS A 31 -2.50 3.15 -7.55
CA LYS A 31 -2.97 4.54 -7.54
C LYS A 31 -1.82 5.49 -7.89
N PHE A 32 -0.76 5.44 -7.09
CA PHE A 32 0.40 6.31 -7.32
C PHE A 32 1.10 5.94 -8.62
N TYR A 33 0.88 4.71 -9.07
CA TYR A 33 1.50 4.24 -10.31
C TYR A 33 1.41 5.29 -11.40
N PHE A 34 0.18 5.76 -11.65
CA PHE A 34 -0.05 6.77 -12.68
C PHE A 34 0.81 8.01 -12.43
N HIS A 35 0.77 8.51 -11.20
CA HIS A 35 1.54 9.69 -10.82
C HIS A 35 3.00 9.54 -11.25
N LEU A 36 3.56 8.36 -11.01
CA LEU A 36 4.95 8.09 -11.37
C LEU A 36 5.22 8.45 -12.82
N MET A 37 4.48 7.83 -13.73
CA MET A 37 4.63 8.10 -15.15
C MET A 37 4.52 9.59 -15.45
N LEU A 38 3.54 10.24 -14.83
CA LEU A 38 3.33 11.66 -15.03
C LEU A 38 4.55 12.46 -14.56
N LEU A 39 5.12 12.06 -13.43
CA LEU A 39 6.29 12.73 -12.89
C LEU A 39 7.52 12.46 -13.74
N ALA A 40 7.61 11.25 -14.27
CA ALA A 40 8.75 10.85 -15.11
C ALA A 40 8.71 11.58 -16.45
N GLY A 41 7.57 11.52 -17.12
CA GLY A 41 7.43 12.18 -18.40
C GLY A 41 6.90 13.60 -18.28
N CYS A 42 7.20 14.23 -17.15
CA CYS A 42 6.75 15.60 -16.91
C CYS A 42 7.42 16.58 -17.87
N ILE A 43 8.64 16.24 -18.29
CA ILE A 43 9.39 17.08 -19.21
C ILE A 43 9.32 16.54 -20.63
N LYS A 44 8.18 16.74 -21.29
CA LYS A 44 7.98 16.27 -22.65
C LYS A 44 7.72 17.44 -23.60
N TYR A 45 7.72 17.15 -24.89
CA TYR A 45 7.49 18.18 -25.90
C TYR A 45 6.56 17.66 -27.00
N GLY A 46 5.76 18.56 -27.56
CA GLY A 46 4.85 18.17 -28.63
C GLY A 46 4.42 19.35 -29.48
N ARG A 47 4.70 19.26 -30.78
CA ARG A 47 4.35 20.33 -31.70
C ARG A 47 3.95 19.76 -33.06
N GLY A 48 2.87 20.30 -33.63
CA GLY A 48 2.41 19.84 -34.93
C GLY A 48 1.58 20.87 -35.65
N MET A 1 -1.34 -1.71 19.27
CA MET A 1 -2.09 -2.95 19.39
C MET A 1 -1.46 -4.06 18.55
N ASN A 2 -0.15 -4.23 18.71
CA ASN A 2 0.58 -5.25 17.96
C ASN A 2 0.77 -6.51 18.80
N ILE A 3 -0.31 -6.93 19.46
CA ILE A 3 -0.28 -8.13 20.30
C ILE A 3 0.21 -9.33 19.51
N THR A 4 0.34 -10.47 20.18
CA THR A 4 0.79 -11.70 19.55
C THR A 4 0.80 -12.86 20.54
N SER A 5 -0.16 -13.76 20.38
CA SER A 5 -0.26 -14.93 21.27
C SER A 5 -0.96 -16.08 20.55
N GLN A 6 -1.29 -17.12 21.31
CA GLN A 6 -1.96 -18.30 20.76
C GLN A 6 -3.45 -18.28 21.08
N MET A 7 -4.05 -17.10 21.01
CA MET A 7 -5.48 -16.96 21.30
C MET A 7 -6.24 -16.49 20.06
N ASN A 8 -7.46 -16.97 19.90
CA ASN A 8 -8.29 -16.60 18.76
C ASN A 8 -8.30 -15.08 18.57
N LYS A 9 -8.32 -14.35 19.67
CA LYS A 9 -8.33 -12.89 19.62
C LYS A 9 -7.25 -12.38 18.68
N THR A 10 -6.00 -12.74 18.96
CA THR A 10 -4.87 -12.31 18.13
C THR A 10 -5.11 -12.66 16.67
N ILE A 11 -5.74 -13.80 16.42
CA ILE A 11 -6.01 -14.25 15.07
C ILE A 11 -6.89 -13.23 14.33
N ILE A 12 -7.85 -12.66 15.05
CA ILE A 12 -8.75 -11.67 14.45
C ILE A 12 -8.04 -10.35 14.23
N GLY A 13 -7.48 -9.78 15.31
CA GLY A 13 -6.77 -8.52 15.20
C GLY A 13 -5.69 -8.55 14.13
N VAL A 14 -4.81 -9.54 14.21
CA VAL A 14 -3.72 -9.67 13.24
C VAL A 14 -4.27 -9.81 11.83
N SER A 15 -5.23 -10.72 11.65
CA SER A 15 -5.83 -10.94 10.34
C SER A 15 -6.39 -9.65 9.76
N VAL A 16 -7.02 -8.86 10.62
CA VAL A 16 -7.61 -7.58 10.20
C VAL A 16 -6.52 -6.57 9.85
N LEU A 17 -5.62 -6.33 10.78
CA LEU A 17 -4.52 -5.40 10.57
C LEU A 17 -3.81 -5.67 9.26
N SER A 18 -3.57 -6.95 8.98
CA SER A 18 -2.90 -7.36 7.76
C SER A 18 -3.70 -6.96 6.53
N VAL A 19 -4.97 -7.37 6.51
CA VAL A 19 -5.86 -7.05 5.39
C VAL A 19 -5.81 -5.56 5.05
N LEU A 20 -5.76 -4.73 6.09
CA LEU A 20 -5.71 -3.28 5.90
C LEU A 20 -4.41 -2.86 5.23
N VAL A 21 -3.29 -3.17 5.89
CA VAL A 21 -1.97 -2.82 5.36
C VAL A 21 -1.82 -3.30 3.92
N VAL A 22 -2.13 -4.57 3.70
CA VAL A 22 -2.03 -5.15 2.36
C VAL A 22 -2.80 -4.33 1.34
N SER A 23 -4.08 -4.08 1.61
CA SER A 23 -4.92 -3.31 0.72
C SER A 23 -4.31 -1.93 0.45
N VAL A 24 -4.16 -1.15 1.50
CA VAL A 24 -3.59 0.19 1.39
C VAL A 24 -2.27 0.15 0.61
N VAL A 25 -1.45 -0.86 0.88
CA VAL A 25 -0.17 -1.01 0.21
C VAL A 25 -0.34 -1.01 -1.31
N ALA A 26 -1.08 -2.00 -1.80
CA ALA A 26 -1.31 -2.13 -3.23
C ALA A 26 -2.09 -0.93 -3.77
N VAL A 27 -2.99 -0.40 -2.95
CA VAL A 27 -3.80 0.75 -3.34
C VAL A 27 -2.92 1.88 -3.86
N LEU A 28 -2.02 2.36 -3.00
CA LEU A 28 -1.12 3.44 -3.37
C LEU A 28 -0.16 3.00 -4.48
N VAL A 29 0.22 1.74 -4.45
CA VAL A 29 1.13 1.18 -5.45
C VAL A 29 0.59 1.42 -6.86
N TYR A 30 -0.67 1.05 -7.08
CA TYR A 30 -1.30 1.22 -8.39
C TYR A 30 -1.84 2.63 -8.56
N LYS A 31 -2.52 3.13 -7.53
CA LYS A 31 -3.07 4.48 -7.56
C LYS A 31 -1.99 5.51 -7.86
N PHE A 32 -0.98 5.56 -6.99
CA PHE A 32 0.12 6.50 -7.16
C PHE A 32 0.93 6.18 -8.41
N TYR A 33 0.84 4.93 -8.86
CA TYR A 33 1.56 4.50 -10.05
C TYR A 33 1.46 5.54 -11.17
N PHE A 34 0.25 6.07 -11.35
CA PHE A 34 0.01 7.08 -12.39
C PHE A 34 0.97 8.24 -12.24
N HIS A 35 1.07 8.77 -11.02
CA HIS A 35 1.96 9.90 -10.74
C HIS A 35 3.36 9.65 -11.29
N LEU A 36 3.86 8.43 -11.09
CA LEU A 36 5.18 8.05 -11.56
C LEU A 36 5.35 8.37 -13.05
N MET A 37 4.49 7.78 -13.87
CA MET A 37 4.54 8.01 -15.31
C MET A 37 4.45 9.50 -15.63
N LEU A 38 3.58 10.20 -14.92
CA LEU A 38 3.40 11.63 -15.11
C LEU A 38 4.69 12.39 -14.81
N LEU A 39 5.41 11.94 -13.79
CA LEU A 39 6.66 12.57 -13.39
C LEU A 39 7.79 12.19 -14.35
N ALA A 40 7.77 10.94 -14.82
CA ALA A 40 8.78 10.46 -15.73
C ALA A 40 8.78 11.25 -17.03
N GLY A 41 7.60 11.39 -17.64
CA GLY A 41 7.49 12.13 -18.88
C GLY A 41 7.19 13.60 -18.65
N CYS A 42 7.62 14.12 -17.51
CA CYS A 42 7.39 15.52 -17.17
C CYS A 42 8.41 16.43 -17.86
N ILE A 43 9.61 15.89 -18.08
CA ILE A 43 10.67 16.65 -18.72
C ILE A 43 10.71 16.37 -20.22
N LYS A 44 10.31 17.36 -21.01
CA LYS A 44 10.30 17.22 -22.47
C LYS A 44 11.50 17.94 -23.08
N TYR A 45 11.92 17.47 -24.24
CA TYR A 45 13.06 18.06 -24.94
C TYR A 45 12.73 19.46 -25.44
N GLY A 46 13.76 20.25 -25.72
CA GLY A 46 13.56 21.60 -26.21
C GLY A 46 13.59 22.63 -25.09
N ARG A 47 14.78 23.16 -24.80
CA ARG A 47 14.94 24.15 -23.75
C ARG A 47 14.33 25.49 -24.17
N GLY A 48 13.19 25.82 -23.57
CA GLY A 48 12.52 27.07 -23.90
C GLY A 48 13.04 28.24 -23.08
N MET A 1 -1.33 -8.65 30.95
CA MET A 1 -2.01 -8.50 29.67
C MET A 1 -2.11 -9.84 28.95
N ASN A 2 -3.27 -10.09 28.33
CA ASN A 2 -3.50 -11.34 27.61
C ASN A 2 -3.50 -11.10 26.10
N ILE A 3 -2.47 -10.41 25.61
CA ILE A 3 -2.36 -10.10 24.19
C ILE A 3 -1.06 -10.67 23.62
N THR A 4 -0.97 -10.69 22.29
CA THR A 4 0.21 -11.21 21.62
C THR A 4 0.39 -12.71 21.89
N SER A 5 -0.67 -13.47 21.68
CA SER A 5 -0.64 -14.91 21.90
C SER A 5 -1.30 -15.65 20.74
N GLN A 6 -1.51 -16.96 20.94
CA GLN A 6 -2.14 -17.78 19.92
C GLN A 6 -3.61 -18.02 20.24
N MET A 7 -4.28 -16.98 20.70
CA MET A 7 -5.69 -17.07 21.04
C MET A 7 -6.57 -16.51 19.92
N ASN A 8 -7.86 -16.83 19.96
CA ASN A 8 -8.80 -16.37 18.94
C ASN A 8 -8.67 -14.87 18.73
N LYS A 9 -8.55 -14.12 19.82
CA LYS A 9 -8.42 -12.68 19.75
C LYS A 9 -7.33 -12.28 18.76
N THR A 10 -6.13 -12.82 18.94
CA THR A 10 -5.02 -12.52 18.05
C THR A 10 -5.39 -12.77 16.59
N ILE A 11 -6.12 -13.85 16.34
CA ILE A 11 -6.54 -14.19 14.99
C ILE A 11 -7.34 -13.06 14.36
N ILE A 12 -8.16 -12.40 15.18
CA ILE A 12 -8.98 -11.29 14.70
C ILE A 12 -8.13 -10.06 14.43
N GLY A 13 -7.42 -9.60 15.44
CA GLY A 13 -6.58 -8.43 15.29
C GLY A 13 -5.57 -8.58 14.16
N VAL A 14 -4.81 -9.68 14.19
CA VAL A 14 -3.82 -9.94 13.17
C VAL A 14 -4.44 -9.97 11.78
N SER A 15 -5.54 -10.71 11.64
CA SER A 15 -6.23 -10.81 10.37
C SER A 15 -6.65 -9.44 9.85
N VAL A 16 -7.09 -8.59 10.76
CA VAL A 16 -7.51 -7.24 10.40
C VAL A 16 -6.31 -6.37 10.00
N LEU A 17 -5.31 -6.31 10.88
CA LEU A 17 -4.12 -5.52 10.61
C LEU A 17 -3.54 -5.86 9.24
N SER A 18 -3.53 -7.15 8.91
CA SER A 18 -2.99 -7.60 7.64
C SER A 18 -3.84 -7.06 6.48
N VAL A 19 -5.14 -7.30 6.54
CA VAL A 19 -6.05 -6.84 5.51
C VAL A 19 -5.83 -5.36 5.20
N LEU A 20 -5.56 -4.57 6.23
CA LEU A 20 -5.33 -3.14 6.07
C LEU A 20 -4.04 -2.88 5.32
N VAL A 21 -2.92 -3.35 5.87
CA VAL A 21 -1.62 -3.18 5.25
C VAL A 21 -1.64 -3.63 3.79
N VAL A 22 -2.16 -4.84 3.56
CA VAL A 22 -2.24 -5.39 2.22
C VAL A 22 -2.95 -4.43 1.27
N SER A 23 -4.16 -4.03 1.64
CA SER A 23 -4.94 -3.11 0.82
C SER A 23 -4.17 -1.83 0.54
N VAL A 24 -3.83 -1.10 1.60
CA VAL A 24 -3.09 0.15 1.47
C VAL A 24 -1.86 -0.05 0.59
N VAL A 25 -1.17 -1.17 0.79
CA VAL A 25 0.03 -1.47 0.02
C VAL A 25 -0.24 -1.42 -1.48
N ALA A 26 -1.14 -2.28 -1.94
CA ALA A 26 -1.50 -2.33 -3.35
C ALA A 26 -2.13 -1.02 -3.81
N VAL A 27 -2.88 -0.39 -2.91
CA VAL A 27 -3.55 0.87 -3.22
C VAL A 27 -2.56 1.89 -3.77
N LEU A 28 -1.54 2.21 -2.98
CA LEU A 28 -0.52 3.18 -3.39
C LEU A 28 0.28 2.64 -4.57
N VAL A 29 0.48 1.33 -4.60
CA VAL A 29 1.24 0.69 -5.67
C VAL A 29 0.64 1.03 -7.03
N TYR A 30 -0.67 0.84 -7.17
CA TYR A 30 -1.36 1.13 -8.42
C TYR A 30 -1.70 2.61 -8.53
N LYS A 31 -2.23 3.17 -7.45
CA LYS A 31 -2.60 4.58 -7.41
C LYS A 31 -1.41 5.46 -7.77
N PHE A 32 -0.34 5.35 -6.98
CA PHE A 32 0.86 6.14 -7.21
C PHE A 32 1.53 5.75 -8.54
N TYR A 33 1.22 4.54 -9.00
CA TYR A 33 1.79 4.05 -10.26
C TYR A 33 1.72 5.11 -11.34
N PHE A 34 0.52 5.65 -11.57
CA PHE A 34 0.31 6.68 -12.57
C PHE A 34 1.15 7.90 -12.28
N HIS A 35 1.28 8.23 -11.00
CA HIS A 35 2.07 9.39 -10.58
C HIS A 35 3.44 9.39 -11.23
N LEU A 36 4.00 8.20 -11.43
CA LEU A 36 5.31 8.06 -12.05
C LEU A 36 5.28 8.57 -13.49
N MET A 37 4.28 8.13 -14.25
CA MET A 37 4.15 8.54 -15.64
C MET A 37 3.97 10.05 -15.75
N LEU A 38 3.08 10.60 -14.93
CA LEU A 38 2.82 12.04 -14.93
C LEU A 38 4.04 12.81 -14.44
N LEU A 39 4.77 12.23 -13.50
CA LEU A 39 5.96 12.87 -12.95
C LEU A 39 7.08 12.89 -13.98
N ALA A 40 7.22 11.80 -14.74
CA ALA A 40 8.26 11.71 -15.76
C ALA A 40 7.93 12.58 -16.96
N GLY A 41 6.71 12.45 -17.47
CA GLY A 41 6.28 13.23 -18.62
C GLY A 41 5.61 14.52 -18.21
N CYS A 42 5.98 15.04 -17.05
CA CYS A 42 5.40 16.28 -16.54
C CYS A 42 5.72 17.45 -17.47
N ILE A 43 6.88 17.38 -18.12
CA ILE A 43 7.31 18.42 -19.04
C ILE A 43 7.11 18.01 -20.48
N LYS A 44 6.63 18.95 -21.30
CA LYS A 44 6.40 18.68 -22.72
C LYS A 44 7.16 19.66 -23.59
N TYR A 45 7.20 19.38 -24.89
CA TYR A 45 7.90 20.24 -25.83
C TYR A 45 6.99 21.35 -26.35
N GLY A 46 7.59 22.45 -26.79
CA GLY A 46 6.82 23.57 -27.31
C GLY A 46 7.54 24.32 -28.40
N ARG A 47 6.79 24.86 -29.35
CA ARG A 47 7.37 25.61 -30.45
C ARG A 47 8.07 26.87 -29.96
N GLY A 48 9.36 26.99 -30.27
CA GLY A 48 10.12 28.15 -29.85
C GLY A 48 10.46 28.11 -28.37
N MET A 1 -0.06 -4.57 17.13
CA MET A 1 -0.61 -5.21 18.33
C MET A 1 0.50 -5.66 19.26
N ASN A 2 0.15 -5.91 20.52
CA ASN A 2 1.12 -6.34 21.52
C ASN A 2 0.97 -7.84 21.80
N ILE A 3 0.77 -8.62 20.74
CA ILE A 3 0.62 -10.06 20.88
C ILE A 3 0.99 -10.78 19.59
N THR A 4 1.16 -12.09 19.68
CA THR A 4 1.53 -12.90 18.52
C THR A 4 1.68 -14.36 18.90
N SER A 5 0.57 -15.01 19.21
CA SER A 5 0.58 -16.43 19.60
C SER A 5 -0.64 -17.15 19.04
N GLN A 6 -0.85 -18.38 19.49
CA GLN A 6 -1.98 -19.18 19.04
C GLN A 6 -3.24 -18.82 19.81
N MET A 7 -3.60 -17.55 19.80
CA MET A 7 -4.79 -17.07 20.49
C MET A 7 -5.85 -16.59 19.51
N ASN A 8 -7.11 -16.71 19.90
CA ASN A 8 -8.21 -16.29 19.04
C ASN A 8 -8.15 -14.79 18.76
N LYS A 9 -8.07 -14.01 19.83
CA LYS A 9 -8.00 -12.55 19.71
C LYS A 9 -6.92 -12.14 18.71
N THR A 10 -5.74 -12.74 18.83
CA THR A 10 -4.63 -12.44 17.94
C THR A 10 -5.01 -12.70 16.49
N ILE A 11 -5.72 -13.79 16.26
CA ILE A 11 -6.16 -14.15 14.90
C ILE A 11 -6.99 -13.04 14.28
N ILE A 12 -7.82 -12.39 15.10
CA ILE A 12 -8.67 -11.31 14.63
C ILE A 12 -7.86 -10.04 14.40
N GLY A 13 -7.19 -9.58 15.44
CA GLY A 13 -6.39 -8.38 15.35
C GLY A 13 -5.39 -8.44 14.20
N VAL A 14 -4.65 -9.54 14.13
CA VAL A 14 -3.65 -9.72 13.07
C VAL A 14 -4.31 -9.76 11.71
N SER A 15 -5.34 -10.60 11.57
CA SER A 15 -6.05 -10.73 10.29
C SER A 15 -6.52 -9.36 9.79
N VAL A 16 -7.18 -8.62 10.66
CA VAL A 16 -7.68 -7.28 10.30
C VAL A 16 -6.54 -6.36 9.91
N LEU A 17 -5.57 -6.21 10.81
CA LEU A 17 -4.42 -5.34 10.56
C LEU A 17 -3.77 -5.68 9.21
N SER A 18 -3.63 -6.97 8.92
CA SER A 18 -3.02 -7.41 7.68
C SER A 18 -3.87 -6.97 6.48
N VAL A 19 -5.16 -7.26 6.54
CA VAL A 19 -6.07 -6.89 5.46
C VAL A 19 -5.93 -5.42 5.10
N LEU A 20 -5.80 -4.58 6.11
CA LEU A 20 -5.66 -3.14 5.90
C LEU A 20 -4.35 -2.83 5.17
N VAL A 21 -3.23 -3.21 5.78
CA VAL A 21 -1.93 -2.98 5.17
C VAL A 21 -1.88 -3.48 3.74
N VAL A 22 -2.27 -4.73 3.54
CA VAL A 22 -2.28 -5.33 2.21
C VAL A 22 -3.04 -4.47 1.21
N SER A 23 -4.27 -4.11 1.57
CA SER A 23 -5.09 -3.27 0.71
C SER A 23 -4.40 -1.96 0.39
N VAL A 24 -4.13 -1.17 1.42
CA VAL A 24 -3.47 0.11 1.25
C VAL A 24 -2.21 -0.02 0.41
N VAL A 25 -1.48 -1.11 0.63
CA VAL A 25 -0.24 -1.36 -0.13
C VAL A 25 -0.50 -1.39 -1.62
N ALA A 26 -1.34 -2.33 -2.06
CA ALA A 26 -1.68 -2.45 -3.47
C ALA A 26 -2.36 -1.19 -3.99
N VAL A 27 -3.11 -0.53 -3.11
CA VAL A 27 -3.82 0.68 -3.48
C VAL A 27 -2.86 1.73 -4.04
N LEU A 28 -1.93 2.17 -3.20
CA LEU A 28 -0.94 3.18 -3.60
C LEU A 28 -0.09 2.66 -4.75
N VAL A 29 0.16 1.36 -4.75
CA VAL A 29 0.98 0.75 -5.80
C VAL A 29 0.44 1.08 -7.18
N TYR A 30 -0.85 0.81 -7.40
CA TYR A 30 -1.48 1.10 -8.69
C TYR A 30 -1.92 2.55 -8.77
N LYS A 31 -2.55 3.04 -7.69
CA LYS A 31 -3.02 4.41 -7.65
C LYS A 31 -1.89 5.39 -7.94
N PHE A 32 -0.84 5.34 -7.13
CA PHE A 32 0.31 6.22 -7.30
C PHE A 32 1.06 5.89 -8.58
N TYR A 33 0.88 4.66 -9.06
CA TYR A 33 1.55 4.21 -10.28
C TYR A 33 1.48 5.29 -11.36
N PHE A 34 0.28 5.83 -11.58
CA PHE A 34 0.08 6.87 -12.58
C PHE A 34 0.91 8.10 -12.27
N HIS A 35 0.89 8.52 -11.00
CA HIS A 35 1.65 9.69 -10.57
C HIS A 35 3.11 9.58 -11.00
N LEU A 36 3.68 8.40 -10.83
CA LEU A 36 5.07 8.15 -11.19
C LEU A 36 5.34 8.58 -12.63
N MET A 37 4.61 7.97 -13.57
CA MET A 37 4.78 8.28 -14.98
C MET A 37 4.66 9.79 -15.21
N LEU A 38 3.67 10.41 -14.58
CA LEU A 38 3.45 11.85 -14.71
C LEU A 38 4.69 12.63 -14.30
N LEU A 39 5.39 12.13 -13.28
CA LEU A 39 6.60 12.78 -12.79
C LEU A 39 7.79 12.45 -13.67
N ALA A 40 7.83 11.22 -14.18
CA ALA A 40 8.92 10.79 -15.04
C ALA A 40 8.91 11.55 -16.37
N GLY A 41 7.75 11.58 -17.02
CA GLY A 41 7.63 12.27 -18.28
C GLY A 41 7.21 13.72 -18.12
N CYS A 42 7.56 14.30 -16.97
CA CYS A 42 7.20 15.69 -16.69
C CYS A 42 8.05 16.65 -17.53
N ILE A 43 9.26 16.23 -17.85
CA ILE A 43 10.16 17.05 -18.65
C ILE A 43 10.51 16.36 -19.97
N LYS A 44 10.53 17.13 -21.05
CA LYS A 44 10.86 16.60 -22.37
C LYS A 44 12.28 16.04 -22.40
N TYR A 45 12.53 15.11 -23.32
CA TYR A 45 13.84 14.50 -23.45
C TYR A 45 14.92 15.57 -23.67
N GLY A 46 16.17 15.20 -23.42
CA GLY A 46 17.27 16.12 -23.61
C GLY A 46 18.16 16.21 -22.38
N ARG A 47 19.44 15.93 -22.57
CA ARG A 47 20.41 15.97 -21.47
C ARG A 47 21.70 16.66 -21.91
N GLY A 48 22.20 17.56 -21.08
CA GLY A 48 23.42 18.27 -21.40
C GLY A 48 23.54 19.58 -20.65
N MET A 1 -1.21 -2.60 17.70
CA MET A 1 0.20 -2.52 17.32
C MET A 1 0.66 -3.83 16.69
N ASN A 2 -0.23 -4.46 15.92
CA ASN A 2 0.10 -5.73 15.27
C ASN A 2 0.61 -6.75 16.28
N ILE A 3 -0.16 -6.95 17.34
CA ILE A 3 0.22 -7.92 18.38
C ILE A 3 0.55 -9.27 17.77
N THR A 4 1.05 -10.17 18.61
CA THR A 4 1.41 -11.51 18.16
C THR A 4 1.48 -12.49 19.33
N SER A 5 0.57 -13.45 19.36
CA SER A 5 0.52 -14.44 20.42
C SER A 5 -0.15 -15.73 19.94
N GLN A 6 -0.44 -16.62 20.88
CA GLN A 6 -1.07 -17.89 20.56
C GLN A 6 -2.52 -17.91 21.06
N MET A 7 -3.19 -16.78 20.95
CA MET A 7 -4.59 -16.67 21.38
C MET A 7 -5.48 -16.22 20.22
N ASN A 8 -6.74 -16.68 20.24
CA ASN A 8 -7.69 -16.33 19.20
C ASN A 8 -7.69 -14.82 18.96
N LYS A 9 -7.56 -14.05 20.03
CA LYS A 9 -7.55 -12.60 19.93
C LYS A 9 -6.56 -12.13 18.87
N THR A 10 -5.30 -12.50 19.04
CA THR A 10 -4.25 -12.13 18.09
C THR A 10 -4.64 -12.51 16.67
N ILE A 11 -5.32 -13.64 16.52
CA ILE A 11 -5.74 -14.12 15.21
C ILE A 11 -6.65 -13.11 14.54
N ILE A 12 -7.54 -12.49 15.32
CA ILE A 12 -8.46 -11.50 14.79
C ILE A 12 -7.75 -10.19 14.47
N GLY A 13 -7.08 -9.62 15.48
CA GLY A 13 -6.36 -8.37 15.27
C GLY A 13 -5.40 -8.44 14.11
N VAL A 14 -4.55 -9.46 14.10
CA VAL A 14 -3.57 -9.64 13.03
C VAL A 14 -4.25 -9.80 11.68
N SER A 15 -5.24 -10.69 11.63
CA SER A 15 -5.98 -10.96 10.40
C SER A 15 -6.58 -9.66 9.84
N VAL A 16 -7.17 -8.87 10.73
CA VAL A 16 -7.78 -7.61 10.33
C VAL A 16 -6.74 -6.62 9.83
N LEU A 17 -5.74 -6.36 10.65
CA LEU A 17 -4.67 -5.44 10.30
C LEU A 17 -4.09 -5.77 8.93
N SER A 18 -3.77 -7.05 8.73
CA SER A 18 -3.20 -7.51 7.46
C SER A 18 -4.10 -7.12 6.29
N VAL A 19 -5.38 -7.48 6.40
CA VAL A 19 -6.35 -7.17 5.36
C VAL A 19 -6.29 -5.70 4.97
N LEU A 20 -6.29 -4.83 5.98
CA LEU A 20 -6.24 -3.39 5.74
C LEU A 20 -4.94 -3.00 5.04
N VAL A 21 -3.82 -3.31 5.67
CA VAL A 21 -2.51 -2.99 5.10
C VAL A 21 -2.41 -3.47 3.65
N VAL A 22 -2.86 -4.70 3.42
CA VAL A 22 -2.83 -5.28 2.07
C VAL A 22 -3.51 -4.37 1.06
N SER A 23 -4.76 -4.00 1.35
CA SER A 23 -5.52 -3.13 0.47
C SER A 23 -4.79 -1.83 0.22
N VAL A 24 -4.58 -1.06 1.29
CA VAL A 24 -3.89 0.22 1.19
C VAL A 24 -2.58 0.08 0.42
N VAL A 25 -1.87 -1.02 0.67
CA VAL A 25 -0.60 -1.27 0.00
C VAL A 25 -0.76 -1.26 -1.51
N ALA A 26 -1.57 -2.17 -2.03
CA ALA A 26 -1.82 -2.26 -3.46
C ALA A 26 -2.48 -0.98 -3.98
N VAL A 27 -3.33 -0.39 -3.16
CA VAL A 27 -4.02 0.84 -3.54
C VAL A 27 -3.04 1.90 -4.04
N LEU A 28 -2.11 2.29 -3.18
CA LEU A 28 -1.12 3.30 -3.52
C LEU A 28 -0.19 2.79 -4.63
N VAL A 29 0.07 1.48 -4.62
CA VAL A 29 0.92 0.87 -5.62
C VAL A 29 0.43 1.16 -7.03
N TYR A 30 -0.85 0.90 -7.26
CA TYR A 30 -1.45 1.14 -8.57
C TYR A 30 -1.87 2.60 -8.73
N LYS A 31 -2.51 3.15 -7.70
CA LYS A 31 -2.95 4.53 -7.72
C LYS A 31 -1.78 5.47 -8.00
N PHE A 32 -0.77 5.42 -7.13
CA PHE A 32 0.41 6.27 -7.28
C PHE A 32 1.19 5.90 -8.54
N TYR A 33 0.99 4.67 -9.02
CA TYR A 33 1.67 4.19 -10.21
C TYR A 33 1.63 5.23 -11.32
N PHE A 34 0.49 5.89 -11.45
CA PHE A 34 0.32 6.92 -12.47
C PHE A 34 1.23 8.12 -12.20
N HIS A 35 1.26 8.56 -10.95
CA HIS A 35 2.08 9.69 -10.56
C HIS A 35 3.52 9.52 -11.05
N LEU A 36 4.04 8.30 -10.95
CA LEU A 36 5.40 8.00 -11.38
C LEU A 36 5.63 8.47 -12.82
N MET A 37 4.85 7.91 -13.74
CA MET A 37 4.97 8.27 -15.15
C MET A 37 4.87 9.79 -15.33
N LEU A 38 3.88 10.39 -14.67
CA LEU A 38 3.68 11.84 -14.76
C LEU A 38 4.92 12.59 -14.27
N LEU A 39 5.58 12.03 -13.26
CA LEU A 39 6.78 12.66 -12.71
C LEU A 39 7.99 12.43 -13.62
N ALA A 40 8.03 11.26 -14.24
CA ALA A 40 9.13 10.92 -15.14
C ALA A 40 9.16 11.86 -16.34
N GLY A 41 8.02 12.01 -17.00
CA GLY A 41 7.94 12.88 -18.16
C GLY A 41 7.54 14.30 -17.79
N CYS A 42 7.88 14.71 -16.57
CA CYS A 42 7.55 16.06 -16.10
C CYS A 42 8.67 17.03 -16.43
N ILE A 43 9.90 16.53 -16.49
CA ILE A 43 11.06 17.35 -16.79
C ILE A 43 11.19 18.50 -15.79
N LYS A 44 11.54 18.17 -14.56
CA LYS A 44 11.71 19.17 -13.51
C LYS A 44 12.80 18.76 -12.53
N TYR A 45 13.31 19.72 -11.79
CA TYR A 45 14.37 19.47 -10.81
C TYR A 45 13.82 18.70 -9.61
N GLY A 46 14.63 17.78 -9.09
CA GLY A 46 14.21 16.99 -7.95
C GLY A 46 14.75 15.57 -7.99
N ARG A 47 14.85 14.95 -6.83
CA ARG A 47 15.36 13.59 -6.73
C ARG A 47 14.40 12.70 -5.93
N GLY A 48 13.80 11.73 -6.61
CA GLY A 48 12.87 10.84 -5.95
C GLY A 48 13.13 9.38 -6.28
N MET A 1 -4.36 -3.70 19.58
CA MET A 1 -4.16 -4.78 18.61
C MET A 1 -2.69 -4.95 18.27
N ASN A 2 -1.87 -5.14 19.29
CA ASN A 2 -0.43 -5.32 19.10
C ASN A 2 0.04 -6.63 19.71
N ILE A 3 -0.54 -7.73 19.26
CA ILE A 3 -0.18 -9.05 19.75
C ILE A 3 -0.26 -10.10 18.65
N THR A 4 0.36 -11.25 18.88
CA THR A 4 0.36 -12.34 17.91
C THR A 4 0.73 -13.66 18.56
N SER A 5 -0.28 -14.39 19.03
CA SER A 5 -0.07 -15.68 19.68
C SER A 5 -1.15 -16.67 19.29
N GLN A 6 -1.19 -17.80 19.99
CA GLN A 6 -2.18 -18.83 19.72
C GLN A 6 -3.49 -18.52 20.43
N MET A 7 -4.04 -17.33 20.17
CA MET A 7 -5.29 -16.91 20.77
C MET A 7 -6.29 -16.49 19.71
N ASN A 8 -7.58 -16.61 20.03
CA ASN A 8 -8.64 -16.24 19.10
C ASN A 8 -8.60 -14.75 18.80
N LYS A 9 -8.62 -13.93 19.84
CA LYS A 9 -8.57 -12.48 19.68
C LYS A 9 -7.43 -12.07 18.76
N THR A 10 -6.25 -12.64 18.99
CA THR A 10 -5.08 -12.34 18.18
C THR A 10 -5.33 -12.63 16.71
N ILE A 11 -6.02 -13.75 16.45
CA ILE A 11 -6.33 -14.15 15.08
C ILE A 11 -7.15 -13.08 14.36
N ILE A 12 -8.08 -12.48 15.09
CA ILE A 12 -8.93 -11.43 14.52
C ILE A 12 -8.13 -10.17 14.22
N GLY A 13 -7.46 -9.65 15.24
CA GLY A 13 -6.66 -8.44 15.07
C GLY A 13 -5.60 -8.61 14.01
N VAL A 14 -4.70 -9.58 14.22
CA VAL A 14 -3.63 -9.84 13.27
C VAL A 14 -4.15 -9.94 11.84
N SER A 15 -5.20 -10.75 11.66
CA SER A 15 -5.79 -10.95 10.35
C SER A 15 -6.22 -9.61 9.75
N VAL A 16 -6.79 -8.75 10.58
CA VAL A 16 -7.23 -7.43 10.13
C VAL A 16 -6.05 -6.53 9.79
N LEU A 17 -5.07 -6.49 10.69
CA LEU A 17 -3.88 -5.67 10.49
C LEU A 17 -3.28 -5.92 9.11
N SER A 18 -3.15 -7.19 8.74
CA SER A 18 -2.59 -7.56 7.45
C SER A 18 -3.50 -7.09 6.31
N VAL A 19 -4.77 -7.42 6.40
CA VAL A 19 -5.74 -7.04 5.37
C VAL A 19 -5.65 -5.56 5.07
N LEU A 20 -5.42 -4.75 6.10
CA LEU A 20 -5.31 -3.31 5.94
C LEU A 20 -4.03 -2.94 5.18
N VAL A 21 -2.89 -3.32 5.74
CA VAL A 21 -1.60 -3.03 5.13
C VAL A 21 -1.58 -3.49 3.67
N VAL A 22 -2.06 -4.71 3.43
CA VAL A 22 -2.09 -5.26 2.08
C VAL A 22 -2.86 -4.35 1.13
N SER A 23 -4.11 -4.05 1.49
CA SER A 23 -4.96 -3.19 0.68
C SER A 23 -4.27 -1.86 0.40
N VAL A 24 -3.99 -1.11 1.48
CA VAL A 24 -3.33 0.19 1.35
C VAL A 24 -2.08 0.10 0.50
N VAL A 25 -1.30 -0.96 0.71
CA VAL A 25 -0.07 -1.18 -0.03
C VAL A 25 -0.33 -1.13 -1.54
N ALA A 26 -1.18 -2.01 -2.03
CA ALA A 26 -1.52 -2.07 -3.44
C ALA A 26 -2.25 -0.80 -3.88
N VAL A 27 -3.07 -0.25 -2.99
CA VAL A 27 -3.82 0.96 -3.28
C VAL A 27 -2.90 2.06 -3.81
N LEU A 28 -1.88 2.40 -3.02
CA LEU A 28 -0.93 3.44 -3.41
C LEU A 28 -0.08 2.98 -4.59
N VAL A 29 0.24 1.69 -4.62
CA VAL A 29 1.05 1.13 -5.69
C VAL A 29 0.38 1.31 -7.04
N TYR A 30 -0.92 1.03 -7.09
CA TYR A 30 -1.68 1.16 -8.32
C TYR A 30 -2.10 2.61 -8.55
N LYS A 31 -2.61 3.24 -7.49
CA LYS A 31 -3.07 4.63 -7.58
C LYS A 31 -1.91 5.55 -7.97
N PHE A 32 -0.86 5.55 -7.15
CA PHE A 32 0.30 6.40 -7.40
C PHE A 32 0.99 5.99 -8.71
N TYR A 33 0.75 4.75 -9.13
CA TYR A 33 1.34 4.24 -10.35
C TYR A 33 1.28 5.27 -11.47
N PHE A 34 0.09 5.81 -11.70
CA PHE A 34 -0.12 6.81 -12.74
C PHE A 34 0.73 8.05 -12.47
N HIS A 35 0.67 8.55 -11.24
CA HIS A 35 1.43 9.73 -10.86
C HIS A 35 2.91 9.57 -11.21
N LEU A 36 3.45 8.39 -10.92
CA LEU A 36 4.85 8.10 -11.21
C LEU A 36 5.18 8.39 -12.66
N MET A 37 4.46 7.72 -13.57
CA MET A 37 4.68 7.91 -14.99
C MET A 37 4.62 9.39 -15.37
N LEU A 38 3.68 10.11 -14.77
CA LEU A 38 3.53 11.54 -15.02
C LEU A 38 4.74 12.32 -14.55
N LEU A 39 5.19 12.03 -13.33
CA LEU A 39 6.34 12.70 -12.76
C LEU A 39 7.60 12.39 -13.55
N ALA A 40 7.70 11.16 -14.03
CA ALA A 40 8.86 10.72 -14.81
C ALA A 40 8.88 11.39 -16.18
N GLY A 41 7.75 11.31 -16.89
CA GLY A 41 7.66 11.92 -18.20
C GLY A 41 7.15 13.35 -18.16
N CYS A 42 7.40 14.02 -17.04
CA CYS A 42 6.95 15.40 -16.87
C CYS A 42 7.89 16.36 -17.59
N ILE A 43 9.17 15.99 -17.69
CA ILE A 43 10.16 16.82 -18.35
C ILE A 43 10.82 16.08 -19.51
N LYS A 44 11.21 16.82 -20.54
CA LYS A 44 11.86 16.23 -21.70
C LYS A 44 13.07 15.41 -21.29
N TYR A 45 13.63 14.67 -22.25
CA TYR A 45 14.80 13.84 -21.98
C TYR A 45 15.63 13.66 -23.24
N GLY A 46 16.86 13.16 -23.07
CA GLY A 46 17.74 12.95 -24.21
C GLY A 46 19.06 12.32 -23.80
N ARG A 47 19.83 11.90 -24.80
CA ARG A 47 21.13 11.27 -24.55
C ARG A 47 20.99 10.12 -23.56
N GLY A 48 19.95 9.31 -23.74
CA GLY A 48 19.73 8.18 -22.87
C GLY A 48 20.59 6.99 -23.23
N MET A 1 -6.44 -6.85 18.95
CA MET A 1 -6.33 -5.73 19.88
C MET A 1 -4.88 -5.30 20.04
N ASN A 2 -4.17 -5.17 18.93
CA ASN A 2 -2.77 -4.77 18.94
C ASN A 2 -1.92 -5.78 19.71
N ILE A 3 -2.14 -7.06 19.43
CA ILE A 3 -1.39 -8.12 20.11
C ILE A 3 -1.05 -9.25 19.14
N THR A 4 -0.34 -10.26 19.64
CA THR A 4 0.06 -11.39 18.82
C THR A 4 0.40 -12.60 19.68
N SER A 5 -0.37 -13.67 19.54
CA SER A 5 -0.15 -14.89 20.31
C SER A 5 -0.81 -16.08 19.64
N GLN A 6 -0.87 -17.20 20.37
CA GLN A 6 -1.47 -18.42 19.84
C GLN A 6 -2.94 -18.53 20.27
N MET A 7 -3.62 -17.39 20.35
CA MET A 7 -5.01 -17.37 20.76
C MET A 7 -5.92 -16.94 19.60
N ASN A 8 -7.22 -17.08 19.79
CA ASN A 8 -8.18 -16.72 18.75
C ASN A 8 -8.22 -15.21 18.55
N LYS A 9 -8.33 -14.47 19.66
CA LYS A 9 -8.37 -13.02 19.61
C LYS A 9 -7.30 -12.48 18.67
N THR A 10 -6.05 -12.85 18.94
CA THR A 10 -4.93 -12.40 18.12
C THR A 10 -5.17 -12.69 16.64
N ILE A 11 -5.69 -13.87 16.35
CA ILE A 11 -5.98 -14.27 14.98
C ILE A 11 -6.92 -13.26 14.30
N ILE A 12 -7.87 -12.74 15.07
CA ILE A 12 -8.83 -11.78 14.55
C ILE A 12 -8.16 -10.43 14.28
N GLY A 13 -7.56 -9.86 15.32
CA GLY A 13 -6.89 -8.57 15.18
C GLY A 13 -5.81 -8.60 14.12
N VAL A 14 -4.89 -9.56 14.24
CA VAL A 14 -3.80 -9.70 13.28
C VAL A 14 -4.32 -9.81 11.86
N SER A 15 -5.29 -10.71 11.66
CA SER A 15 -5.87 -10.92 10.34
C SER A 15 -6.42 -9.62 9.78
N VAL A 16 -7.05 -8.83 10.64
CA VAL A 16 -7.63 -7.56 10.22
C VAL A 16 -6.53 -6.54 9.90
N LEU A 17 -5.62 -6.34 10.85
CA LEU A 17 -4.52 -5.39 10.66
C LEU A 17 -3.80 -5.64 9.34
N SER A 18 -3.60 -6.93 9.03
CA SER A 18 -2.91 -7.31 7.80
C SER A 18 -3.72 -6.90 6.58
N VAL A 19 -5.00 -7.30 6.55
CA VAL A 19 -5.88 -6.97 5.44
C VAL A 19 -5.83 -5.49 5.12
N LEU A 20 -5.76 -4.67 6.16
CA LEU A 20 -5.72 -3.22 5.99
C LEU A 20 -4.41 -2.79 5.32
N VAL A 21 -3.30 -3.11 5.95
CA VAL A 21 -1.98 -2.76 5.41
C VAL A 21 -1.84 -3.23 3.97
N VAL A 22 -2.13 -4.51 3.73
CA VAL A 22 -2.03 -5.08 2.39
C VAL A 22 -2.80 -4.23 1.38
N SER A 23 -4.07 -3.96 1.68
CA SER A 23 -4.90 -3.16 0.80
C SER A 23 -4.27 -1.81 0.52
N VAL A 24 -4.07 -1.02 1.56
CA VAL A 24 -3.46 0.30 1.42
C VAL A 24 -2.17 0.22 0.62
N VAL A 25 -1.37 -0.80 0.89
CA VAL A 25 -0.10 -0.99 0.19
C VAL A 25 -0.30 -1.01 -1.32
N ALA A 26 -1.09 -1.98 -1.79
CA ALA A 26 -1.36 -2.10 -3.22
C ALA A 26 -2.10 -0.87 -3.75
N VAL A 27 -2.98 -0.32 -2.92
CA VAL A 27 -3.75 0.86 -3.29
C VAL A 27 -2.85 1.97 -3.84
N LEU A 28 -1.92 2.41 -2.99
CA LEU A 28 -0.99 3.47 -3.39
C LEU A 28 -0.07 3.00 -4.51
N VAL A 29 0.27 1.72 -4.49
CA VAL A 29 1.14 1.15 -5.50
C VAL A 29 0.58 1.38 -6.91
N TYR A 30 -0.69 1.05 -7.09
CA TYR A 30 -1.34 1.22 -8.39
C TYR A 30 -1.83 2.65 -8.55
N LYS A 31 -2.48 3.18 -7.52
CA LYS A 31 -3.00 4.54 -7.55
C LYS A 31 -1.89 5.54 -7.87
N PHE A 32 -0.87 5.56 -7.02
CA PHE A 32 0.26 6.47 -7.21
C PHE A 32 1.04 6.13 -8.48
N TYR A 33 0.90 4.88 -8.92
CA TYR A 33 1.59 4.43 -10.13
C TYR A 33 1.48 5.46 -11.25
N PHE A 34 0.26 5.88 -11.54
CA PHE A 34 0.02 6.87 -12.59
C PHE A 34 0.92 8.10 -12.38
N HIS A 35 0.97 8.58 -11.14
CA HIS A 35 1.78 9.75 -10.81
C HIS A 35 3.21 9.59 -11.31
N LEU A 36 3.75 8.38 -11.13
CA LEU A 36 5.12 8.09 -11.56
C LEU A 36 5.31 8.44 -13.03
N MET A 37 4.53 7.80 -13.91
CA MET A 37 4.61 8.06 -15.33
C MET A 37 4.52 9.55 -15.63
N LEU A 38 3.58 10.21 -14.97
CA LEU A 38 3.38 11.65 -15.16
C LEU A 38 4.65 12.43 -14.84
N LEU A 39 5.37 11.96 -13.82
CA LEU A 39 6.62 12.61 -13.42
C LEU A 39 7.76 12.23 -14.34
N ALA A 40 7.76 10.98 -14.81
CA ALA A 40 8.80 10.50 -15.71
C ALA A 40 8.72 11.19 -17.06
N GLY A 41 7.53 11.19 -17.65
CA GLY A 41 7.34 11.83 -18.94
C GLY A 41 6.93 13.28 -18.83
N CYS A 42 7.34 13.92 -17.73
CA CYS A 42 7.01 15.33 -17.51
C CYS A 42 7.70 16.22 -18.52
N ILE A 43 8.86 15.79 -19.00
CA ILE A 43 9.62 16.56 -19.98
C ILE A 43 9.24 16.16 -21.40
N LYS A 44 8.91 17.15 -22.21
CA LYS A 44 8.52 16.91 -23.60
C LYS A 44 9.75 16.61 -24.45
N TYR A 45 9.51 16.09 -25.66
CA TYR A 45 10.59 15.75 -26.57
C TYR A 45 10.51 16.60 -27.84
N GLY A 46 11.67 17.08 -28.30
CA GLY A 46 11.70 17.90 -29.49
C GLY A 46 12.91 18.82 -29.53
N ARG A 47 13.88 18.48 -30.38
CA ARG A 47 15.09 19.28 -30.50
C ARG A 47 15.16 19.97 -31.87
N GLY A 48 15.51 21.24 -31.87
CA GLY A 48 15.60 21.98 -33.12
C GLY A 48 15.18 23.43 -32.97
N MET A 1 -5.64 -5.18 20.97
CA MET A 1 -5.48 -5.51 19.54
C MET A 1 -3.99 -5.55 19.18
N ASN A 2 -3.70 -6.11 18.01
CA ASN A 2 -2.32 -6.22 17.53
C ASN A 2 -1.48 -7.03 18.51
N ILE A 3 -1.74 -8.33 18.57
CA ILE A 3 -1.02 -9.23 19.45
C ILE A 3 -0.61 -10.51 18.74
N THR A 4 0.04 -11.43 19.47
CA THR A 4 0.48 -12.69 18.90
C THR A 4 0.53 -13.78 19.97
N SER A 5 -0.48 -14.66 19.96
CA SER A 5 -0.55 -15.74 20.93
C SER A 5 -1.49 -16.84 20.44
N GLN A 6 -1.82 -17.77 21.33
CA GLN A 6 -2.71 -18.87 20.99
C GLN A 6 -4.15 -18.54 21.37
N MET A 7 -4.53 -17.29 21.22
CA MET A 7 -5.88 -16.84 21.55
C MET A 7 -6.61 -16.36 20.30
N ASN A 8 -7.88 -16.71 20.20
CA ASN A 8 -8.70 -16.32 19.05
C ASN A 8 -8.58 -14.82 18.79
N LYS A 9 -8.40 -14.06 19.87
CA LYS A 9 -8.27 -12.61 19.76
C LYS A 9 -7.21 -12.23 18.73
N THR A 10 -6.01 -12.76 18.93
CA THR A 10 -4.89 -12.48 18.01
C THR A 10 -5.31 -12.70 16.57
N ILE A 11 -6.01 -13.81 16.32
CA ILE A 11 -6.46 -14.13 14.97
C ILE A 11 -7.27 -12.99 14.37
N ILE A 12 -8.05 -12.33 15.20
CA ILE A 12 -8.87 -11.21 14.76
C ILE A 12 -8.04 -9.98 14.46
N GLY A 13 -7.29 -9.52 15.46
CA GLY A 13 -6.45 -8.36 15.28
C GLY A 13 -5.46 -8.52 14.14
N VAL A 14 -4.73 -9.63 14.16
CA VAL A 14 -3.74 -9.92 13.11
C VAL A 14 -4.39 -9.93 11.74
N SER A 15 -5.50 -10.66 11.62
CA SER A 15 -6.21 -10.76 10.35
C SER A 15 -6.61 -9.38 9.84
N VAL A 16 -7.03 -8.52 10.76
CA VAL A 16 -7.44 -7.16 10.41
C VAL A 16 -6.24 -6.32 9.97
N LEU A 17 -5.23 -6.26 10.83
CA LEU A 17 -4.04 -5.49 10.55
C LEU A 17 -3.47 -5.84 9.16
N SER A 18 -3.48 -7.13 8.84
CA SER A 18 -2.98 -7.59 7.55
C SER A 18 -3.83 -7.04 6.41
N VAL A 19 -5.13 -7.25 6.50
CA VAL A 19 -6.06 -6.77 5.48
C VAL A 19 -5.82 -5.31 5.16
N LEU A 20 -5.53 -4.52 6.20
CA LEU A 20 -5.27 -3.10 6.02
C LEU A 20 -3.99 -2.86 5.24
N VAL A 21 -2.88 -3.35 5.78
CA VAL A 21 -1.58 -3.20 5.14
C VAL A 21 -1.63 -3.66 3.69
N VAL A 22 -2.17 -4.85 3.47
CA VAL A 22 -2.28 -5.41 2.13
C VAL A 22 -3.00 -4.45 1.20
N SER A 23 -4.21 -4.05 1.58
CA SER A 23 -5.01 -3.14 0.77
C SER A 23 -4.24 -1.86 0.46
N VAL A 24 -3.87 -1.14 1.52
CA VAL A 24 -3.12 0.11 1.36
C VAL A 24 -1.90 -0.09 0.47
N VAL A 25 -1.20 -1.20 0.67
CA VAL A 25 -0.01 -1.52 -0.12
C VAL A 25 -0.32 -1.46 -1.61
N ALA A 26 -1.25 -2.29 -2.05
CA ALA A 26 -1.64 -2.34 -3.45
C ALA A 26 -2.26 -1.02 -3.89
N VAL A 27 -3.02 -0.40 -3.00
CA VAL A 27 -3.67 0.87 -3.29
C VAL A 27 -2.68 1.88 -3.86
N LEU A 28 -1.64 2.18 -3.09
CA LEU A 28 -0.62 3.12 -3.51
C LEU A 28 0.16 2.58 -4.71
N VAL A 29 0.35 1.27 -4.75
CA VAL A 29 1.08 0.64 -5.84
C VAL A 29 0.44 0.97 -7.18
N TYR A 30 -0.87 0.80 -7.27
CA TYR A 30 -1.60 1.09 -8.50
C TYR A 30 -1.92 2.57 -8.62
N LYS A 31 -2.42 3.15 -7.53
CA LYS A 31 -2.77 4.56 -7.51
C LYS A 31 -1.55 5.42 -7.89
N PHE A 32 -0.49 5.30 -7.12
CA PHE A 32 0.73 6.07 -7.37
C PHE A 32 1.36 5.67 -8.71
N TYR A 33 1.03 4.47 -9.16
CA TYR A 33 1.56 3.97 -10.43
C TYR A 33 1.50 5.04 -11.52
N PHE A 34 0.33 5.66 -11.66
CA PHE A 34 0.13 6.70 -12.65
C PHE A 34 0.95 7.94 -12.32
N HIS A 35 0.97 8.30 -11.04
CA HIS A 35 1.71 9.47 -10.59
C HIS A 35 3.15 9.42 -11.09
N LEU A 36 3.71 8.21 -11.14
CA LEU A 36 5.09 8.04 -11.60
C LEU A 36 5.25 8.52 -13.04
N MET A 37 4.44 7.97 -13.94
CA MET A 37 4.48 8.35 -15.35
C MET A 37 4.34 9.86 -15.52
N LEU A 38 3.37 10.44 -14.81
CA LEU A 38 3.14 11.87 -14.88
C LEU A 38 4.32 12.65 -14.32
N LEU A 39 4.93 12.12 -13.26
CA LEU A 39 6.08 12.76 -12.64
C LEU A 39 7.23 12.91 -13.63
N ALA A 40 7.63 11.81 -14.23
CA ALA A 40 8.71 11.81 -15.21
C ALA A 40 8.44 12.82 -16.32
N GLY A 41 7.26 12.73 -16.91
CA GLY A 41 6.90 13.64 -17.98
C GLY A 41 6.19 14.88 -17.48
N CYS A 42 6.50 15.27 -16.25
CA CYS A 42 5.89 16.45 -15.64
C CYS A 42 6.49 17.73 -16.22
N ILE A 43 7.76 17.66 -16.61
CA ILE A 43 8.45 18.80 -17.17
C ILE A 43 8.45 18.75 -18.70
N LYS A 44 7.26 18.89 -19.28
CA LYS A 44 7.12 18.86 -20.74
C LYS A 44 5.69 19.18 -21.15
N TYR A 45 5.53 19.66 -22.38
CA TYR A 45 4.21 20.01 -22.90
C TYR A 45 3.41 18.76 -23.27
N GLY A 46 2.14 18.76 -22.92
CA GLY A 46 1.29 17.62 -23.22
C GLY A 46 1.15 17.38 -24.72
N ARG A 47 1.98 16.49 -25.26
CA ARG A 47 1.94 16.19 -26.68
C ARG A 47 1.22 14.86 -26.94
N GLY A 48 1.84 13.77 -26.50
CA GLY A 48 1.23 12.46 -26.69
C GLY A 48 0.56 11.95 -25.43
N MET A 1 -3.73 -2.57 20.74
CA MET A 1 -3.51 -4.00 20.57
C MET A 1 -2.22 -4.27 19.81
N ASN A 2 -1.48 -5.28 20.26
CA ASN A 2 -0.21 -5.65 19.61
C ASN A 2 0.32 -6.97 20.16
N ILE A 3 -0.22 -8.06 19.65
CA ILE A 3 0.19 -9.40 20.08
C ILE A 3 0.18 -10.39 18.92
N THR A 4 0.73 -11.57 19.16
CA THR A 4 0.79 -12.61 18.14
C THR A 4 1.12 -13.96 18.74
N SER A 5 0.14 -14.85 18.79
CA SER A 5 0.34 -16.18 19.35
C SER A 5 -0.81 -17.10 18.97
N GLN A 6 -0.87 -18.26 19.62
CA GLN A 6 -1.92 -19.24 19.35
C GLN A 6 -3.20 -18.89 20.11
N MET A 7 -3.66 -17.66 19.95
CA MET A 7 -4.87 -17.20 20.62
C MET A 7 -5.90 -16.69 19.60
N ASN A 8 -7.17 -16.82 19.94
CA ASN A 8 -8.25 -16.37 19.07
C ASN A 8 -8.17 -14.88 18.83
N LYS A 9 -8.11 -14.11 19.91
CA LYS A 9 -8.03 -12.66 19.82
C LYS A 9 -6.97 -12.24 18.82
N THR A 10 -5.78 -12.81 18.94
CA THR A 10 -4.67 -12.48 18.03
C THR A 10 -5.08 -12.73 16.58
N ILE A 11 -5.78 -13.83 16.34
CA ILE A 11 -6.22 -14.19 15.00
C ILE A 11 -7.09 -13.08 14.41
N ILE A 12 -7.91 -12.45 15.24
CA ILE A 12 -8.78 -11.38 14.79
C ILE A 12 -7.99 -10.12 14.49
N GLY A 13 -7.26 -9.64 15.48
CA GLY A 13 -6.47 -8.43 15.30
C GLY A 13 -5.50 -8.54 14.14
N VAL A 14 -4.69 -9.61 14.15
CA VAL A 14 -3.71 -9.83 13.09
C VAL A 14 -4.39 -9.88 11.72
N SER A 15 -5.44 -10.68 11.61
CA SER A 15 -6.17 -10.82 10.36
C SER A 15 -6.64 -9.46 9.86
N VAL A 16 -7.11 -8.62 10.77
CA VAL A 16 -7.59 -7.29 10.42
C VAL A 16 -6.44 -6.39 9.99
N LEU A 17 -5.44 -6.28 10.85
CA LEU A 17 -4.27 -5.44 10.55
C LEU A 17 -3.71 -5.77 9.17
N SER A 18 -3.63 -7.06 8.85
CA SER A 18 -3.11 -7.50 7.56
C SER A 18 -3.98 -6.99 6.43
N VAL A 19 -5.28 -7.25 6.51
CA VAL A 19 -6.22 -6.82 5.48
C VAL A 19 -6.05 -5.34 5.17
N LEU A 20 -5.83 -4.55 6.21
CA LEU A 20 -5.64 -3.10 6.04
C LEU A 20 -4.36 -2.81 5.26
N VAL A 21 -3.23 -3.25 5.81
CA VAL A 21 -1.93 -3.03 5.18
C VAL A 21 -1.96 -3.49 3.72
N VAL A 22 -2.44 -4.71 3.50
CA VAL A 22 -2.52 -5.26 2.16
C VAL A 22 -3.22 -4.30 1.20
N SER A 23 -4.42 -3.87 1.57
CA SER A 23 -5.19 -2.95 0.75
C SER A 23 -4.39 -1.69 0.44
N VAL A 24 -4.03 -0.96 1.49
CA VAL A 24 -3.25 0.27 1.34
C VAL A 24 -2.03 0.04 0.46
N VAL A 25 -1.36 -1.08 0.66
CA VAL A 25 -0.18 -1.43 -0.12
C VAL A 25 -0.46 -1.38 -1.61
N ALA A 26 -1.39 -2.23 -2.06
CA ALA A 26 -1.75 -2.30 -3.46
C ALA A 26 -2.36 -0.97 -3.92
N VAL A 27 -3.10 -0.33 -3.04
CA VAL A 27 -3.73 0.95 -3.35
C VAL A 27 -2.72 1.94 -3.93
N LEU A 28 -1.70 2.26 -3.14
CA LEU A 28 -0.66 3.18 -3.57
C LEU A 28 0.13 2.61 -4.75
N VAL A 29 0.29 1.30 -4.76
CA VAL A 29 1.03 0.63 -5.83
C VAL A 29 0.42 0.96 -7.20
N TYR A 30 -0.89 0.81 -7.32
CA TYR A 30 -1.58 1.10 -8.57
C TYR A 30 -1.88 2.59 -8.69
N LYS A 31 -2.40 3.17 -7.61
CA LYS A 31 -2.73 4.59 -7.60
C LYS A 31 -1.51 5.44 -7.97
N PHE A 32 -0.46 5.31 -7.19
CA PHE A 32 0.77 6.06 -7.43
C PHE A 32 1.42 5.64 -8.75
N TYR A 33 1.10 4.44 -9.20
CA TYR A 33 1.64 3.91 -10.44
C TYR A 33 1.62 4.97 -11.54
N PHE A 34 0.45 5.58 -11.74
CA PHE A 34 0.28 6.61 -12.76
C PHE A 34 1.07 7.87 -12.39
N HIS A 35 1.04 8.23 -11.13
CA HIS A 35 1.77 9.41 -10.65
C HIS A 35 3.22 9.37 -11.09
N LEU A 36 3.80 8.17 -11.10
CA LEU A 36 5.19 7.99 -11.50
C LEU A 36 5.40 8.46 -12.94
N MET A 37 4.57 7.96 -13.85
CA MET A 37 4.67 8.34 -15.25
C MET A 37 4.54 9.84 -15.43
N LEU A 38 3.55 10.43 -14.76
CA LEU A 38 3.31 11.87 -14.84
C LEU A 38 4.49 12.64 -14.25
N LEU A 39 5.07 12.11 -13.19
CA LEU A 39 6.20 12.75 -12.53
C LEU A 39 7.41 12.80 -13.46
N ALA A 40 7.64 11.71 -14.18
CA ALA A 40 8.77 11.63 -15.10
C ALA A 40 8.50 12.45 -16.36
N GLY A 41 7.35 12.23 -16.97
CA GLY A 41 7.00 12.95 -18.18
C GLY A 41 6.22 14.22 -17.89
N CYS A 42 6.46 14.80 -16.72
CA CYS A 42 5.78 16.02 -16.31
C CYS A 42 6.08 17.16 -17.29
N ILE A 43 7.26 17.12 -17.90
CA ILE A 43 7.67 18.14 -18.85
C ILE A 43 7.98 17.53 -20.21
N LYS A 44 7.32 18.03 -21.25
CA LYS A 44 7.53 17.54 -22.60
C LYS A 44 8.08 18.64 -23.51
N TYR A 45 8.68 18.23 -24.62
CA TYR A 45 9.25 19.19 -25.56
C TYR A 45 9.40 18.56 -26.94
N GLY A 46 9.57 19.41 -27.95
CA GLY A 46 9.72 18.92 -29.32
C GLY A 46 8.40 18.88 -30.05
N ARG A 47 8.08 19.96 -30.77
CA ARG A 47 6.83 20.04 -31.52
C ARG A 47 7.10 19.89 -33.02
N GLY A 48 6.16 19.30 -33.73
CA GLY A 48 6.31 19.12 -35.16
C GLY A 48 5.36 19.98 -35.96
#